data_6B1S
#
_entry.id   6B1S
#
_cell.length_a   53.119
_cell.length_b   95.797
_cell.length_c   144.488
_cell.angle_alpha   90.00
_cell.angle_beta   90.00
_cell.angle_gamma   90.00
#
_symmetry.space_group_name_H-M   'P 21 21 21'
#
loop_
_entity.id
_entity.type
_entity.pdbx_description
1 polymer 'Reverse transcriptase'
2 polymer "DNA (5'-D(*CP*TP*TP*AP*TP*AP*(CGY)P*(CGY)P*TP*TP*TP*AP*TP*AP*AP*G)-3')"
3 water water
#
loop_
_entity_poly.entity_id
_entity_poly.type
_entity_poly.pdbx_seq_one_letter_code
_entity_poly.pdbx_strand_id
1 'polypeptide(L)'
;GSHMTWLSDFPQAWAETGGMGLAVRQAPLIIPLKATSTPVSIKQYPMSQEARLGIKPHIQRLLDQGILVPCQSPWNTPLL
PVKKPGTNDYRPVQDLREVNKRVEDIHPTVPNPYNLLSGLPPSHQWYTVLDLKDAFFCLRLHPTSQPLFAFEWRDPEMGI
SGQLTWTRLPQGFKNSPTLFDEALHRDLADFRIQHPDLILLQYVDDLLLAATSELDCQQGTRALLQTLGNLGYRASAKKA
QICQKQVKYLGYLLKEGQR
;
A,B
2 'polydeoxyribonucleotide' (DC)(DT)(DT)(DA)(DT)(DA)(CGY)(CGY)(DT)(DT)(DT)(DA)(DT)(DA)(DA)(DG) E,F
#
loop_
_chem_comp.id
_chem_comp.type
_chem_comp.name
_chem_comp.formula
CGY DNA linking (1R)-1,4-anhydro-2-deoxy-1-[2,6-diamino-5-(dihydroxyamino)pyridin-3-yl]-5-O-phosphono-D-erythro-pentitol 'C10 H17 N4 O8 P'
DA DNA linking 2'-DEOXYADENOSINE-5'-MONOPHOSPHATE 'C10 H14 N5 O6 P'
DC DNA linking 2'-DEOXYCYTIDINE-5'-MONOPHOSPHATE 'C9 H14 N3 O7 P'
DG DNA linking 2'-DEOXYGUANOSINE-5'-MONOPHOSPHATE 'C10 H14 N5 O7 P'
DT DNA linking THYMIDINE-5'-MONOPHOSPHATE 'C10 H15 N2 O8 P'
#
# COMPACT_ATOMS: atom_id res chain seq x y z
N THR A 5 -6.99 -54.00 24.37
CA THR A 5 -7.13 -52.77 23.59
C THR A 5 -6.02 -51.77 23.85
N TRP A 6 -5.94 -50.75 23.00
CA TRP A 6 -5.00 -49.65 23.22
C TRP A 6 -5.33 -48.90 24.51
N LEU A 7 -6.59 -48.92 24.92
CA LEU A 7 -7.00 -48.17 26.11
C LEU A 7 -6.56 -48.86 27.40
N SER A 8 -6.77 -50.18 27.49
CA SER A 8 -6.45 -50.90 28.73
C SER A 8 -4.96 -51.09 28.90
N ASP A 9 -4.20 -51.26 27.81
CA ASP A 9 -2.77 -51.44 27.91
C ASP A 9 -2.02 -50.19 28.34
N PHE A 10 -2.67 -49.02 28.30
CA PHE A 10 -1.97 -47.77 28.55
C PHE A 10 -2.87 -46.78 29.25
N PRO A 11 -3.31 -47.07 30.48
CA PRO A 11 -4.26 -46.16 31.15
C PRO A 11 -3.67 -44.82 31.55
N GLN A 12 -2.36 -44.72 31.75
CA GLN A 12 -1.75 -43.45 32.10
C GLN A 12 -1.55 -42.54 30.89
N ALA A 13 -1.63 -43.07 29.68
CA ALA A 13 -1.39 -42.28 28.48
C ALA A 13 -2.64 -41.57 27.97
N TRP A 14 -3.82 -42.05 28.33
CA TRP A 14 -5.07 -41.48 27.85
C TRP A 14 -5.66 -40.54 28.90
N ALA A 15 -6.19 -39.41 28.43
CA ALA A 15 -6.84 -38.47 29.34
C ALA A 15 -8.03 -39.12 30.05
N GLU A 16 -8.72 -40.03 29.37
CA GLU A 16 -9.91 -40.64 29.95
C GLU A 16 -9.58 -41.52 31.17
N THR A 17 -8.40 -42.13 31.18
CA THR A 17 -8.05 -43.10 32.22
C THR A 17 -6.86 -42.71 33.08
N GLY A 18 -5.99 -41.81 32.62
CA GLY A 18 -4.73 -41.56 33.28
C GLY A 18 -4.68 -40.36 34.22
N GLY A 19 -5.78 -39.64 34.39
CA GLY A 19 -5.78 -38.45 35.22
C GLY A 19 -5.14 -37.26 34.52
N MET A 20 -5.43 -36.07 35.06
CA MET A 20 -4.88 -34.84 34.51
C MET A 20 -3.35 -34.91 34.48
N GLY A 21 -2.78 -34.22 33.51
CA GLY A 21 -1.36 -34.34 33.25
C GLY A 21 -0.49 -33.41 34.07
N LEU A 22 0.81 -33.74 34.10
CA LEU A 22 1.81 -32.92 34.76
C LEU A 22 3.16 -33.36 34.21
N ALA A 23 3.80 -32.51 33.41
CA ALA A 23 5.10 -32.85 32.82
C ALA A 23 6.15 -32.79 33.93
N VAL A 24 6.45 -33.95 34.52
CA VAL A 24 7.28 -33.98 35.72
C VAL A 24 8.70 -33.52 35.43
N ARG A 25 9.19 -33.70 34.20
CA ARG A 25 10.58 -33.36 33.90
C ARG A 25 10.79 -31.87 33.70
N GLN A 26 9.72 -31.09 33.51
CA GLN A 26 9.84 -29.69 33.10
C GLN A 26 9.73 -28.79 34.33
N ALA A 27 10.78 -28.03 34.59
CA ALA A 27 10.78 -27.09 35.70
C ALA A 27 9.71 -26.03 35.48
N PRO A 28 9.17 -25.45 36.55
CA PRO A 28 8.19 -24.37 36.40
C PRO A 28 8.74 -23.23 35.54
N LEU A 29 7.88 -22.69 34.69
CA LEU A 29 8.27 -21.71 33.69
C LEU A 29 8.25 -20.29 34.25
N ILE A 30 9.31 -19.54 33.94
CA ILE A 30 9.38 -18.11 34.25
C ILE A 30 9.04 -17.34 32.98
N ILE A 31 8.20 -16.31 33.13
CA ILE A 31 7.69 -15.53 32.00
C ILE A 31 8.28 -14.13 32.09
N PRO A 32 9.36 -13.83 31.38
CA PRO A 32 9.97 -12.49 31.48
C PRO A 32 9.08 -11.40 30.89
N LEU A 33 8.97 -10.30 31.62
CA LEU A 33 8.25 -9.12 31.17
C LEU A 33 9.14 -8.25 30.29
N LYS A 34 8.50 -7.46 29.43
CA LYS A 34 9.20 -6.38 28.76
C LYS A 34 9.72 -5.39 29.80
N ALA A 35 10.87 -4.78 29.49
CA ALA A 35 11.45 -3.81 30.41
C ALA A 35 10.49 -2.67 30.73
N THR A 36 9.57 -2.36 29.82
CA THR A 36 8.64 -1.24 30.01
C THR A 36 7.45 -1.59 30.90
N SER A 37 7.22 -2.87 31.18
CA SER A 37 5.93 -3.31 31.68
C SER A 37 5.78 -3.10 33.19
N THR A 38 4.62 -2.59 33.57
CA THR A 38 4.14 -2.61 34.95
C THR A 38 2.74 -3.21 34.93
N PRO A 39 2.26 -3.70 36.07
CA PRO A 39 1.02 -4.48 36.07
C PRO A 39 -0.17 -3.70 35.52
N VAL A 40 -1.07 -4.42 34.87
CA VAL A 40 -2.33 -3.89 34.36
C VAL A 40 -3.47 -4.61 35.08
N SER A 41 -4.41 -3.85 35.63
CA SER A 41 -5.52 -4.39 36.40
C SER A 41 -6.82 -3.92 35.76
N ILE A 42 -7.54 -4.85 35.14
CA ILE A 42 -8.79 -4.57 34.44
C ILE A 42 -9.94 -5.12 35.27
N LYS A 43 -10.94 -4.30 35.50
CA LYS A 43 -12.11 -4.70 36.28
C LYS A 43 -12.87 -5.82 35.58
N GLN A 44 -13.31 -6.80 36.37
CA GLN A 44 -14.14 -7.88 35.83
C GLN A 44 -15.50 -7.32 35.41
N TYR A 45 -15.95 -7.71 34.22
CA TYR A 45 -17.27 -7.29 33.79
C TYR A 45 -18.33 -8.16 34.45
N PRO A 46 -19.49 -7.60 34.81
CA PRO A 46 -20.55 -8.44 35.35
C PRO A 46 -21.01 -9.46 34.32
N MET A 47 -21.56 -10.57 34.82
CA MET A 47 -22.10 -11.61 33.95
C MET A 47 -23.38 -12.13 34.55
N SER A 48 -24.22 -12.70 33.69
CA SER A 48 -25.50 -13.26 34.13
C SER A 48 -25.25 -14.37 35.16
N GLN A 49 -26.30 -14.66 35.94
CA GLN A 49 -26.22 -15.77 36.88
C GLN A 49 -26.09 -17.10 36.15
N GLU A 50 -26.74 -17.22 34.98
CA GLU A 50 -26.59 -18.42 34.17
C GLU A 50 -25.13 -18.62 33.78
N ALA A 51 -24.50 -17.58 33.24
CA ALA A 51 -23.10 -17.68 32.84
C ALA A 51 -22.21 -18.06 34.01
N ARG A 52 -22.44 -17.44 35.17
CA ARG A 52 -21.64 -17.73 36.35
C ARG A 52 -21.81 -19.19 36.77
N LEU A 53 -23.07 -19.66 36.82
CA LEU A 53 -23.32 -21.05 37.18
C LEU A 53 -22.72 -22.01 36.16
N GLY A 54 -22.69 -21.61 34.88
CA GLY A 54 -22.05 -22.45 33.87
C GLY A 54 -20.55 -22.51 34.06
N ILE A 55 -19.94 -21.39 34.47
CA ILE A 55 -18.50 -21.36 34.70
C ILE A 55 -18.13 -22.16 35.93
N LYS A 56 -18.97 -22.13 36.96
CA LYS A 56 -18.60 -22.60 38.30
C LYS A 56 -17.96 -23.98 38.31
N PRO A 57 -18.56 -25.02 37.72
CA PRO A 57 -17.94 -26.35 37.81
C PRO A 57 -16.56 -26.42 37.20
N HIS A 58 -16.31 -25.66 36.13
CA HIS A 58 -14.98 -25.63 35.53
C HIS A 58 -13.98 -25.00 36.48
N ILE A 59 -14.34 -23.86 37.08
CA ILE A 59 -13.47 -23.24 38.08
C ILE A 59 -13.25 -24.21 39.24
N GLN A 60 -14.30 -24.88 39.70
CA GLN A 60 -14.18 -25.73 40.87
C GLN A 60 -13.26 -26.92 40.60
N ARG A 61 -13.41 -27.55 39.44
CA ARG A 61 -12.51 -28.64 39.08
C ARG A 61 -11.06 -28.16 39.06
N LEU A 62 -10.81 -27.00 38.46
CA LEU A 62 -9.45 -26.48 38.41
C LEU A 62 -8.93 -26.17 39.80
N LEU A 63 -9.78 -25.63 40.68
CA LEU A 63 -9.39 -25.42 42.07
C LEU A 63 -9.04 -26.73 42.74
N ASP A 64 -9.91 -27.74 42.60
CA ASP A 64 -9.65 -29.03 43.23
C ASP A 64 -8.35 -29.65 42.72
N GLN A 65 -8.00 -29.41 41.47
CA GLN A 65 -6.78 -29.95 40.88
C GLN A 65 -5.55 -29.12 41.20
N GLY A 66 -5.70 -27.99 41.89
CA GLY A 66 -4.57 -27.11 42.17
C GLY A 66 -4.11 -26.28 40.98
N ILE A 67 -4.80 -26.36 39.85
CA ILE A 67 -4.40 -25.58 38.68
C ILE A 67 -4.76 -24.11 38.86
N LEU A 68 -5.81 -23.83 39.62
CA LEU A 68 -6.13 -22.48 40.09
C LEU A 68 -5.90 -22.40 41.59
N VAL A 69 -5.36 -21.28 42.04
CA VAL A 69 -5.19 -21.01 43.47
C VAL A 69 -5.61 -19.59 43.76
N PRO A 70 -5.97 -19.29 45.02
CA PRO A 70 -6.23 -17.89 45.39
C PRO A 70 -4.93 -17.09 45.39
N CYS A 71 -5.06 -15.80 45.15
CA CYS A 71 -3.90 -14.92 45.15
C CYS A 71 -4.37 -13.49 45.40
N GLN A 72 -3.39 -12.62 45.64
CA GLN A 72 -3.59 -11.18 45.66
C GLN A 72 -2.53 -10.59 44.74
N SER A 73 -2.96 -10.03 43.61
CA SER A 73 -2.03 -9.63 42.57
C SER A 73 -2.36 -8.22 42.06
N PRO A 74 -1.34 -7.42 41.76
CA PRO A 74 -1.60 -6.13 41.08
C PRO A 74 -2.09 -6.29 39.65
N TRP A 75 -2.01 -7.49 39.09
CA TRP A 75 -2.54 -7.80 37.78
C TRP A 75 -3.98 -8.30 37.90
N ASN A 76 -4.77 -8.04 36.87
CA ASN A 76 -6.11 -8.61 36.77
C ASN A 76 -6.61 -8.41 35.34
N THR A 77 -7.14 -9.49 34.76
CA THR A 77 -7.74 -9.45 33.44
C THR A 77 -9.11 -10.09 33.50
N PRO A 78 -10.02 -9.73 32.60
CA PRO A 78 -11.40 -10.18 32.71
C PRO A 78 -11.60 -11.62 32.26
N LEU A 79 -12.47 -12.31 32.98
CA LEU A 79 -13.06 -13.57 32.53
C LEU A 79 -14.31 -13.23 31.72
N LEU A 80 -14.54 -13.97 30.63
CA LEU A 80 -15.76 -13.72 29.89
C LEU A 80 -16.57 -15.00 29.72
N PRO A 81 -17.90 -14.88 29.65
CA PRO A 81 -18.74 -16.05 29.38
C PRO A 81 -18.96 -16.23 27.88
N VAL A 82 -18.75 -17.44 27.38
CA VAL A 82 -18.77 -17.68 25.94
C VAL A 82 -19.95 -18.57 25.57
N ARG A 91 -18.14 -22.19 29.21
CA ARG A 91 -16.87 -22.40 29.89
C ARG A 91 -16.01 -21.13 29.83
N PRO A 92 -15.05 -21.01 30.75
CA PRO A 92 -14.39 -19.72 30.95
C PRO A 92 -13.31 -19.44 29.91
N VAL A 93 -13.28 -18.19 29.45
CA VAL A 93 -12.25 -17.68 28.55
C VAL A 93 -11.71 -16.40 29.16
N GLN A 94 -10.39 -16.33 29.35
CA GLN A 94 -9.73 -15.18 29.93
C GLN A 94 -9.18 -14.31 28.81
N ASP A 95 -9.44 -13.00 28.88
CA ASP A 95 -8.90 -12.04 27.93
C ASP A 95 -7.54 -11.58 28.44
N LEU A 96 -6.47 -12.23 27.97
CA LEU A 96 -5.12 -11.94 28.43
C LEU A 96 -4.37 -10.99 27.52
N ARG A 97 -5.05 -10.32 26.59
CA ARG A 97 -4.36 -9.53 25.58
C ARG A 97 -3.48 -8.44 26.21
N GLU A 98 -3.95 -7.80 27.28
CA GLU A 98 -3.15 -6.75 27.89
C GLU A 98 -1.97 -7.30 28.68
N VAL A 99 -2.05 -8.55 29.14
CA VAL A 99 -0.86 -9.21 29.69
C VAL A 99 0.09 -9.59 28.56
N ASN A 100 -0.44 -10.17 27.49
CA ASN A 100 0.40 -10.55 26.35
C ASN A 100 1.20 -9.36 25.82
N LYS A 101 0.59 -8.17 25.79
CA LYS A 101 1.31 -6.98 25.32
C LYS A 101 2.53 -6.68 26.19
N ARG A 102 2.48 -7.04 27.47
CA ARG A 102 3.52 -6.68 28.41
C ARG A 102 4.54 -7.79 28.64
N VAL A 103 4.37 -8.94 27.99
CA VAL A 103 5.29 -10.07 28.11
C VAL A 103 6.27 -10.01 26.94
N GLU A 104 7.55 -10.27 27.24
CA GLU A 104 8.57 -10.25 26.20
C GLU A 104 8.30 -11.32 25.17
N ASP A 105 8.50 -10.98 23.90
CA ASP A 105 8.32 -11.94 22.82
C ASP A 105 9.47 -12.93 22.80
N ILE A 106 9.19 -14.13 22.30
CA ILE A 106 10.20 -15.17 22.14
C ILE A 106 10.20 -15.60 20.67
N HIS A 107 11.32 -16.17 20.25
CA HIS A 107 11.44 -16.56 18.85
C HIS A 107 10.43 -17.65 18.51
N PRO A 108 9.68 -17.53 17.41
CA PRO A 108 8.70 -18.57 17.05
C PRO A 108 9.36 -19.80 16.46
N THR A 109 9.47 -20.87 17.25
CA THR A 109 10.16 -22.09 16.83
C THR A 109 9.22 -23.16 16.30
N VAL A 110 7.90 -22.96 16.39
CA VAL A 110 6.95 -23.94 15.90
C VAL A 110 6.88 -23.83 14.39
N PRO A 111 7.17 -24.89 13.63
CA PRO A 111 7.08 -24.80 12.17
C PRO A 111 5.63 -24.69 11.73
N ASN A 112 5.42 -24.04 10.59
CA ASN A 112 4.08 -24.04 10.03
C ASN A 112 3.74 -25.44 9.54
N PRO A 113 2.44 -25.82 9.57
CA PRO A 113 2.09 -27.19 9.21
C PRO A 113 2.60 -27.63 7.84
N TYR A 114 2.64 -26.73 6.85
CA TYR A 114 3.10 -27.13 5.53
C TYR A 114 4.53 -27.65 5.58
N ASN A 115 5.44 -26.86 6.14
CA ASN A 115 6.83 -27.31 6.25
C ASN A 115 6.93 -28.56 7.11
N LEU A 116 6.14 -28.63 8.19
CA LEU A 116 6.17 -29.81 9.05
C LEU A 116 5.83 -31.07 8.28
N LEU A 117 4.82 -31.02 7.42
CA LEU A 117 4.42 -32.19 6.66
C LEU A 117 5.42 -32.55 5.57
N SER A 118 6.23 -31.59 5.10
CA SER A 118 7.23 -31.91 4.09
C SER A 118 8.24 -32.93 4.60
N GLY A 119 8.36 -33.09 5.90
CA GLY A 119 9.22 -34.11 6.48
C GLY A 119 8.61 -35.50 6.55
N LEU A 120 7.51 -35.73 5.84
CA LEU A 120 6.79 -37.00 5.88
C LEU A 120 7.08 -37.77 4.59
N PRO A 121 7.97 -38.75 4.58
CA PRO A 121 8.42 -39.34 3.32
C PRO A 121 7.48 -40.44 2.85
N PRO A 122 7.41 -40.69 1.53
CA PRO A 122 6.59 -41.80 1.04
C PRO A 122 6.85 -43.14 1.72
N SER A 123 8.08 -43.38 2.20
CA SER A 123 8.42 -44.70 2.70
C SER A 123 7.63 -45.06 3.96
N HIS A 124 7.21 -44.06 4.74
CA HIS A 124 6.41 -44.28 5.94
C HIS A 124 4.96 -43.89 5.64
N GLN A 125 4.09 -44.89 5.50
CA GLN A 125 2.69 -44.65 5.17
C GLN A 125 1.74 -45.25 6.20
N TRP A 126 2.24 -45.71 7.34
CA TRP A 126 1.40 -46.18 8.43
C TRP A 126 1.42 -45.13 9.53
N TYR A 127 0.25 -44.62 9.89
CA TYR A 127 0.12 -43.41 10.69
C TYR A 127 -0.60 -43.68 12.01
N THR A 128 -0.15 -42.99 13.05
CA THR A 128 -0.94 -42.78 14.26
C THR A 128 -0.98 -41.29 14.55
N VAL A 129 -2.16 -40.76 14.82
CA VAL A 129 -2.35 -39.35 15.15
C VAL A 129 -2.90 -39.26 16.56
N LEU A 130 -2.29 -38.41 17.37
CA LEU A 130 -2.71 -38.15 18.74
C LEU A 130 -2.75 -36.65 18.98
N ASP A 131 -3.76 -36.19 19.71
CA ASP A 131 -3.82 -34.82 20.21
C ASP A 131 -3.79 -34.86 21.73
N LEU A 132 -2.89 -34.10 22.34
CA LEU A 132 -2.76 -34.07 23.78
C LEU A 132 -3.81 -33.16 24.38
N LYS A 133 -4.48 -33.64 25.43
CA LYS A 133 -5.56 -32.93 26.08
C LYS A 133 -5.02 -32.02 27.18
N ASP A 134 -5.56 -30.81 27.27
CA ASP A 134 -5.13 -29.83 28.27
C ASP A 134 -3.61 -29.75 28.31
N ALA A 135 -3.02 -29.60 27.11
CA ALA A 135 -1.57 -29.67 26.98
C ALA A 135 -0.88 -28.63 27.84
N PHE A 136 -1.28 -27.37 27.72
CA PHE A 136 -0.58 -26.30 28.44
C PHE A 136 -0.60 -26.54 29.95
N PHE A 137 -1.70 -27.06 30.49
CA PHE A 137 -1.79 -27.28 31.92
C PHE A 137 -0.80 -28.33 32.42
N CYS A 138 -0.19 -29.11 31.53
CA CYS A 138 0.83 -30.04 31.97
C CYS A 138 2.11 -29.34 32.40
N LEU A 139 2.31 -28.09 31.99
CA LEU A 139 3.53 -27.35 32.30
C LEU A 139 3.27 -26.41 33.48
N ARG A 140 4.15 -26.48 34.46
CA ARG A 140 4.00 -25.66 35.66
C ARG A 140 4.50 -24.24 35.41
N LEU A 141 3.91 -23.29 36.14
CA LEU A 141 4.25 -21.88 36.06
C LEU A 141 4.97 -21.47 37.33
N HIS A 142 6.11 -20.80 37.18
CA HIS A 142 6.90 -20.39 38.33
C HIS A 142 6.11 -19.40 39.19
N PRO A 143 6.22 -19.50 40.53
CA PRO A 143 5.45 -18.57 41.38
C PRO A 143 5.66 -17.10 41.06
N THR A 144 6.87 -16.71 40.66
CA THR A 144 7.14 -15.32 40.31
C THR A 144 6.27 -14.85 39.14
N SER A 145 5.87 -15.77 38.27
CA SER A 145 5.10 -15.41 37.08
C SER A 145 3.60 -15.64 37.26
N GLN A 146 3.18 -16.35 38.29
CA GLN A 146 1.76 -16.61 38.48
C GLN A 146 0.93 -15.34 38.66
N PRO A 147 1.41 -14.30 39.35
CA PRO A 147 0.57 -13.10 39.52
C PRO A 147 0.16 -12.44 38.22
N LEU A 148 0.90 -12.64 37.13
CA LEU A 148 0.58 -12.01 35.86
C LEU A 148 -0.83 -12.36 35.39
N PHE A 149 -1.28 -13.58 35.68
CA PHE A 149 -2.46 -14.15 35.03
C PHE A 149 -3.67 -14.19 35.95
N ALA A 150 -3.72 -13.31 36.95
CA ALA A 150 -4.79 -13.33 37.92
C ALA A 150 -6.08 -12.80 37.32
N PHE A 151 -7.21 -13.32 37.84
CA PHE A 151 -8.53 -12.83 37.50
C PHE A 151 -9.40 -12.89 38.74
N GLU A 152 -10.56 -12.26 38.67
CA GLU A 152 -11.48 -12.16 39.79
C GLU A 152 -12.59 -13.19 39.62
N TRP A 153 -12.88 -13.92 40.68
CA TRP A 153 -13.92 -14.94 40.66
C TRP A 153 -14.80 -14.83 41.89
N ARG A 154 -16.11 -14.98 41.69
CA ARG A 154 -17.09 -15.06 42.77
C ARG A 154 -17.98 -16.26 42.51
N ASP A 155 -18.06 -17.16 43.49
CA ASP A 155 -18.93 -18.31 43.35
C ASP A 155 -20.38 -17.84 43.25
N PRO A 156 -21.19 -18.44 42.35
CA PRO A 156 -22.57 -17.96 42.21
C PRO A 156 -23.45 -18.34 43.40
N GLY A 159 -19.49 -17.00 49.46
CA GLY A 159 -19.88 -16.43 48.17
C GLY A 159 -19.39 -15.00 48.01
N ILE A 160 -18.12 -14.79 48.31
CA ILE A 160 -17.48 -13.49 48.21
C ILE A 160 -16.48 -13.52 47.07
N SER A 161 -16.19 -12.34 46.52
CA SER A 161 -15.27 -12.22 45.41
C SER A 161 -13.82 -12.27 45.86
N GLY A 162 -12.98 -12.85 45.03
CA GLY A 162 -11.55 -12.91 45.28
C GLY A 162 -10.81 -13.22 44.01
N GLN A 163 -9.51 -12.98 44.04
CA GLN A 163 -8.66 -13.23 42.88
C GLN A 163 -8.16 -14.68 42.88
N LEU A 164 -8.12 -15.27 41.70
CA LEU A 164 -7.45 -16.54 41.46
C LEU A 164 -6.40 -16.35 40.37
N THR A 165 -5.42 -17.25 40.33
CA THR A 165 -4.50 -17.28 39.22
C THR A 165 -4.06 -18.71 38.96
N TRP A 166 -3.29 -18.89 37.89
CA TRP A 166 -2.93 -20.20 37.39
C TRP A 166 -1.58 -20.64 37.94
N THR A 167 -1.49 -21.92 38.31
CA THR A 167 -0.22 -22.54 38.64
C THR A 167 0.35 -23.33 37.47
N ARG A 168 -0.33 -23.31 36.32
CA ARG A 168 0.14 -23.96 35.11
C ARG A 168 0.11 -22.96 33.97
N LEU A 169 0.80 -23.29 32.90
CA LEU A 169 0.81 -22.45 31.70
C LEU A 169 -0.62 -22.27 31.20
N PRO A 170 -1.13 -21.04 31.12
CA PRO A 170 -2.57 -20.86 30.84
C PRO A 170 -2.90 -20.71 29.35
N GLN A 171 -4.16 -21.01 29.05
CA GLN A 171 -4.73 -20.76 27.74
C GLN A 171 -4.90 -19.26 27.51
N GLY A 172 -4.77 -18.84 26.26
CA GLY A 172 -4.84 -17.43 25.92
C GLY A 172 -3.56 -16.66 26.08
N PHE A 173 -2.52 -17.27 26.65
CA PHE A 173 -1.23 -16.63 26.77
C PHE A 173 -0.44 -16.82 25.47
N LYS A 174 0.11 -15.72 24.94
CA LYS A 174 0.61 -15.73 23.57
C LYS A 174 1.76 -16.72 23.38
N ASN A 175 2.57 -16.95 24.40
CA ASN A 175 3.74 -17.82 24.25
C ASN A 175 3.47 -19.27 24.64
N SER A 176 2.24 -19.60 25.04
CA SER A 176 1.95 -20.97 25.46
C SER A 176 2.23 -21.99 24.36
N PRO A 177 1.78 -21.79 23.11
CA PRO A 177 2.03 -22.81 22.08
C PRO A 177 3.51 -23.07 21.86
N THR A 178 4.32 -22.02 21.76
CA THR A 178 5.75 -22.20 21.52
C THR A 178 6.42 -22.85 22.72
N LEU A 179 6.11 -22.37 23.93
CA LEU A 179 6.72 -22.95 25.12
C LEU A 179 6.34 -24.42 25.29
N PHE A 180 5.11 -24.78 24.95
CA PHE A 180 4.74 -26.18 25.05
C PHE A 180 5.46 -27.01 24.00
N ASP A 181 5.49 -26.53 22.76
CA ASP A 181 6.15 -27.28 21.69
C ASP A 181 7.60 -27.54 22.04
N GLU A 182 8.30 -26.54 22.60
CA GLU A 182 9.69 -26.72 22.99
C GLU A 182 9.82 -27.69 24.15
N ALA A 183 8.92 -27.62 25.12
CA ALA A 183 8.96 -28.55 26.25
C ALA A 183 8.79 -29.99 25.79
N LEU A 184 7.76 -30.25 24.98
CA LEU A 184 7.51 -31.62 24.54
C LEU A 184 8.65 -32.15 23.67
N HIS A 185 9.27 -31.27 22.87
CA HIS A 185 10.42 -31.68 22.09
C HIS A 185 11.54 -32.18 22.99
N ARG A 186 11.79 -31.48 24.10
CA ARG A 186 12.80 -31.96 25.05
C ARG A 186 12.42 -33.31 25.62
N ASP A 187 11.14 -33.49 25.98
CA ASP A 187 10.72 -34.72 26.65
C ASP A 187 10.69 -35.91 25.70
N LEU A 188 10.48 -35.68 24.40
CA LEU A 188 10.43 -36.77 23.43
C LEU A 188 11.75 -36.95 22.67
N ALA A 189 12.79 -36.21 23.04
CA ALA A 189 14.07 -36.34 22.35
C ALA A 189 14.60 -37.77 22.43
N ASP A 190 14.57 -38.36 23.62
CA ASP A 190 15.10 -39.72 23.79
C ASP A 190 14.30 -40.70 22.95
N PHE A 191 12.97 -40.62 23.01
CA PHE A 191 12.12 -41.49 22.18
C PHE A 191 12.59 -41.48 20.73
N ARG A 192 12.88 -40.29 20.20
CA ARG A 192 13.35 -40.19 18.83
C ARG A 192 14.66 -40.95 18.63
N ILE A 193 15.53 -40.93 19.63
CA ILE A 193 16.78 -41.67 19.55
C ILE A 193 16.51 -43.17 19.55
N GLN A 194 15.60 -43.63 20.43
CA GLN A 194 15.32 -45.05 20.57
C GLN A 194 14.52 -45.62 19.40
N HIS A 195 14.09 -44.79 18.46
CA HIS A 195 13.26 -45.23 17.33
C HIS A 195 13.65 -44.44 16.08
N PRO A 196 14.88 -44.61 15.60
CA PRO A 196 15.34 -43.82 14.44
C PRO A 196 14.58 -44.11 13.15
N ASP A 197 13.88 -45.25 13.07
CA ASP A 197 13.14 -45.60 11.87
C ASP A 197 11.69 -45.12 11.90
N LEU A 198 11.32 -44.33 12.91
CA LEU A 198 10.00 -43.74 12.99
C LEU A 198 10.08 -42.25 12.70
N ILE A 199 9.03 -41.73 12.09
CA ILE A 199 8.86 -40.30 11.85
C ILE A 199 7.89 -39.76 12.89
N LEU A 200 8.28 -38.70 13.59
CA LEU A 200 7.44 -38.09 14.61
C LEU A 200 7.31 -36.60 14.33
N LEU A 201 6.10 -36.17 13.97
CA LEU A 201 5.80 -34.76 13.72
C LEU A 201 5.12 -34.18 14.94
N GLN A 202 5.65 -33.05 15.44
CA GLN A 202 5.08 -32.34 16.57
C GLN A 202 4.58 -30.98 16.13
N TYR A 203 3.31 -30.69 16.39
CA TYR A 203 2.75 -29.35 16.21
C TYR A 203 2.02 -29.00 17.51
N VAL A 204 2.77 -28.47 18.47
CA VAL A 204 2.25 -28.14 19.79
C VAL A 204 1.68 -29.43 20.40
N ASP A 205 0.36 -29.56 20.47
CA ASP A 205 -0.28 -30.71 21.08
C ASP A 205 -0.77 -31.74 20.06
N ASP A 206 -0.47 -31.56 18.77
CA ASP A 206 -0.91 -32.46 17.72
C ASP A 206 0.28 -33.28 17.23
N LEU A 207 0.20 -34.60 17.39
CA LEU A 207 1.31 -35.51 17.10
C LEU A 207 0.95 -36.48 16.00
N LEU A 208 1.91 -36.71 15.10
CA LEU A 208 1.79 -37.72 14.05
C LEU A 208 3.00 -38.63 14.14
N LEU A 209 2.75 -39.93 14.30
CA LEU A 209 3.78 -40.95 14.25
C LEU A 209 3.60 -41.76 12.97
N ALA A 210 4.69 -41.98 12.24
CA ALA A 210 4.64 -42.67 10.96
C ALA A 210 5.70 -43.74 10.90
N ALA A 211 5.34 -44.89 10.34
CA ALA A 211 6.24 -46.03 10.20
C ALA A 211 6.11 -46.61 8.80
N THR A 212 7.10 -47.44 8.43
CA THR A 212 7.10 -48.09 7.13
C THR A 212 6.13 -49.27 7.07
N SER A 213 5.80 -49.87 8.22
CA SER A 213 4.96 -51.05 8.26
C SER A 213 3.94 -50.89 9.38
N GLU A 214 2.87 -51.68 9.30
CA GLU A 214 1.89 -51.69 10.39
C GLU A 214 2.52 -52.23 11.68
N LEU A 215 3.37 -53.24 11.56
CA LEU A 215 4.03 -53.78 12.74
C LEU A 215 4.86 -52.72 13.44
N ASP A 216 5.72 -52.03 12.68
CA ASP A 216 6.52 -50.96 13.27
C ASP A 216 5.65 -49.84 13.83
N CYS A 217 4.51 -49.58 13.19
CA CYS A 217 3.60 -48.56 13.71
C CYS A 217 2.94 -49.02 15.00
N GLN A 218 2.59 -50.30 15.08
CA GLN A 218 1.98 -50.83 16.29
C GLN A 218 2.90 -50.64 17.50
N GLN A 219 4.10 -51.22 17.44
CA GLN A 219 5.00 -51.15 18.59
C GLN A 219 5.62 -49.78 18.75
N GLY A 220 5.66 -48.97 17.70
CA GLY A 220 6.08 -47.58 17.86
C GLY A 220 5.04 -46.76 18.60
N THR A 221 3.75 -46.99 18.30
CA THR A 221 2.69 -46.34 19.05
C THR A 221 2.67 -46.81 20.50
N ARG A 222 2.94 -48.09 20.73
CA ARG A 222 3.04 -48.59 22.10
C ARG A 222 4.11 -47.83 22.86
N ALA A 223 5.30 -47.69 22.26
CA ALA A 223 6.37 -46.97 22.94
C ALA A 223 6.00 -45.51 23.19
N LEU A 224 5.35 -44.87 22.21
CA LEU A 224 5.00 -43.46 22.35
C LEU A 224 3.99 -43.25 23.46
N LEU A 225 2.92 -44.05 23.48
CA LEU A 225 1.91 -43.94 24.53
C LEU A 225 2.52 -44.19 25.90
N GLN A 226 3.33 -45.24 26.02
CA GLN A 226 4.01 -45.51 27.29
C GLN A 226 4.88 -44.32 27.69
N THR A 227 5.63 -43.76 26.73
CA THR A 227 6.50 -42.63 27.03
C THR A 227 5.69 -41.41 27.46
N LEU A 228 4.63 -41.09 26.71
CA LEU A 228 3.82 -39.92 27.03
C LEU A 228 3.24 -40.02 28.44
N GLY A 229 2.61 -41.15 28.76
CA GLY A 229 2.02 -41.32 30.08
C GLY A 229 3.06 -41.22 31.19
N ASN A 230 4.21 -41.87 31.01
CA ASN A 230 5.29 -41.78 31.98
C ASN A 230 5.69 -40.34 32.23
N LEU A 231 5.83 -39.55 31.16
CA LEU A 231 6.28 -38.17 31.28
C LEU A 231 5.22 -37.25 31.86
N GLY A 232 3.96 -37.68 31.87
CA GLY A 232 2.89 -36.88 32.44
C GLY A 232 2.00 -36.18 31.44
N TYR A 233 2.01 -36.59 30.18
CA TYR A 233 1.10 -36.06 29.17
C TYR A 233 -0.05 -37.04 28.96
N ARG A 234 -1.15 -36.53 28.40
CA ARG A 234 -2.38 -37.30 28.27
C ARG A 234 -3.01 -37.02 26.91
N ALA A 235 -3.22 -38.08 26.13
CA ALA A 235 -3.82 -37.97 24.81
C ALA A 235 -5.30 -38.34 24.87
N SER A 236 -6.05 -37.84 23.89
CA SER A 236 -7.48 -38.13 23.78
C SER A 236 -7.66 -39.49 23.14
N ALA A 237 -8.11 -40.48 23.92
CA ALA A 237 -8.45 -41.77 23.36
C ALA A 237 -9.65 -41.67 22.42
N LYS A 238 -10.52 -40.68 22.66
CA LYS A 238 -11.70 -40.50 21.81
C LYS A 238 -11.31 -40.25 20.36
N LYS A 239 -10.38 -39.32 20.15
CA LYS A 239 -10.02 -38.87 18.81
C LYS A 239 -8.76 -39.52 18.26
N ALA A 240 -8.14 -40.43 19.02
CA ALA A 240 -6.93 -41.08 18.55
C ALA A 240 -7.19 -41.84 17.25
N GLN A 241 -6.26 -41.71 16.31
CA GLN A 241 -6.24 -42.50 15.08
C GLN A 241 -5.00 -43.37 15.14
N ILE A 242 -5.19 -44.68 15.22
CA ILE A 242 -4.12 -45.60 15.61
C ILE A 242 -3.82 -46.54 14.46
N CYS A 243 -2.58 -46.51 13.99
CA CYS A 243 -2.08 -47.44 12.97
C CYS A 243 -3.06 -47.53 11.80
N GLN A 244 -3.09 -46.46 11.02
CA GLN A 244 -4.02 -46.34 9.91
C GLN A 244 -3.31 -45.75 8.70
N LYS A 245 -3.67 -46.26 7.52
CA LYS A 245 -3.15 -45.74 6.27
C LYS A 245 -3.79 -44.42 5.87
N GLN A 246 -4.86 -44.02 6.54
CA GLN A 246 -5.56 -42.77 6.26
C GLN A 246 -5.87 -42.08 7.57
N VAL A 247 -5.42 -40.83 7.72
CA VAL A 247 -5.65 -40.06 8.94
C VAL A 247 -5.86 -38.59 8.58
N LYS A 248 -6.54 -37.89 9.49
CA LYS A 248 -6.62 -36.45 9.47
C LYS A 248 -5.58 -35.86 10.41
N TYR A 249 -4.88 -34.82 9.95
CA TYR A 249 -3.83 -34.20 10.76
C TYR A 249 -3.65 -32.76 10.33
N LEU A 250 -3.81 -31.84 11.28
CA LEU A 250 -3.61 -30.40 11.04
C LEU A 250 -4.45 -29.90 9.87
N GLY A 251 -5.69 -30.38 9.78
CA GLY A 251 -6.58 -29.98 8.73
C GLY A 251 -6.34 -30.63 7.38
N TYR A 252 -5.39 -31.54 7.29
CA TYR A 252 -5.13 -32.30 6.08
C TYR A 252 -5.66 -33.73 6.24
N LEU A 253 -6.07 -34.31 5.12
CA LEU A 253 -6.31 -35.73 5.00
C LEU A 253 -5.07 -36.37 4.39
N LEU A 254 -4.41 -37.23 5.15
CA LEU A 254 -3.26 -37.99 4.66
C LEU A 254 -3.77 -39.30 4.08
N LYS A 255 -3.57 -39.50 2.78
CA LYS A 255 -4.14 -40.63 2.07
C LYS A 255 -3.24 -41.00 0.91
N GLU A 256 -2.94 -42.29 0.78
CA GLU A 256 -2.10 -42.80 -0.30
C GLU A 256 -0.84 -41.96 -0.46
N GLY A 257 -0.22 -41.63 0.67
CA GLY A 257 0.99 -40.84 0.66
C GLY A 257 0.84 -39.40 0.21
N GLN A 258 -0.39 -38.90 0.11
CA GLN A 258 -0.65 -37.59 -0.49
C GLN A 258 -1.04 -36.56 0.57
N ARG A 259 -0.66 -35.30 0.32
CA ARG A 259 -1.13 -34.15 1.07
C ARG A 259 -0.31 -33.92 2.34
N THR B 5 11.66 52.72 -24.44
CA THR B 5 11.37 51.55 -23.63
C THR B 5 11.25 50.31 -24.50
N TRP B 6 11.30 49.13 -23.87
CA TRP B 6 11.21 47.88 -24.62
C TRP B 6 9.86 47.73 -25.30
N LEU B 7 8.81 48.27 -24.70
CA LEU B 7 7.46 48.15 -25.24
C LEU B 7 7.41 48.62 -26.69
N SER B 8 7.91 49.82 -26.96
CA SER B 8 7.85 50.40 -28.30
C SER B 8 8.88 49.81 -29.24
N ASP B 9 10.02 49.34 -28.71
CA ASP B 9 11.13 48.96 -29.58
C ASP B 9 10.87 47.64 -30.29
N PHE B 10 10.06 46.76 -29.72
CA PHE B 10 9.78 45.44 -30.29
C PHE B 10 8.28 45.18 -30.27
N PRO B 11 7.50 45.96 -31.04
CA PRO B 11 6.04 45.82 -30.97
C PRO B 11 5.54 44.50 -31.53
N GLN B 12 6.27 43.89 -32.46
CA GLN B 12 5.85 42.59 -32.99
C GLN B 12 6.04 41.47 -31.97
N ALA B 13 6.97 41.64 -31.03
CA ALA B 13 7.36 40.57 -30.13
C ALA B 13 6.49 40.47 -28.88
N TRP B 14 5.67 41.48 -28.59
CA TRP B 14 4.87 41.51 -27.38
C TRP B 14 3.41 41.20 -27.70
N ALA B 15 2.76 40.44 -26.82
CA ALA B 15 1.35 40.15 -26.99
C ALA B 15 0.52 41.44 -27.00
N GLU B 16 0.89 42.41 -26.16
CA GLU B 16 0.10 43.62 -26.02
C GLU B 16 0.11 44.49 -27.28
N THR B 17 1.07 44.29 -28.18
CA THR B 17 1.23 45.16 -29.35
C THR B 17 1.24 44.42 -30.68
N GLY B 18 1.48 43.12 -30.70
CA GLY B 18 1.70 42.41 -31.95
C GLY B 18 0.57 41.52 -32.40
N GLY B 19 -0.53 41.49 -31.65
CA GLY B 19 -1.65 40.65 -31.99
C GLY B 19 -1.37 39.18 -31.72
N MET B 20 -2.42 38.39 -31.96
CA MET B 20 -2.31 36.96 -31.76
C MET B 20 -1.22 36.38 -32.64
N GLY B 21 -0.48 35.43 -32.08
CA GLY B 21 0.65 34.86 -32.77
C GLY B 21 0.27 33.78 -33.78
N LEU B 22 1.29 33.33 -34.51
CA LEU B 22 1.13 32.24 -35.46
C LEU B 22 2.52 31.76 -35.87
N ALA B 23 2.90 30.55 -35.45
CA ALA B 23 4.21 30.04 -35.78
C ALA B 23 4.30 29.68 -37.26
N VAL B 24 4.70 30.65 -38.09
CA VAL B 24 4.62 30.49 -39.54
C VAL B 24 5.54 29.40 -40.07
N ARG B 25 6.59 29.05 -39.32
CA ARG B 25 7.55 28.07 -39.76
C ARG B 25 7.15 26.64 -39.40
N GLN B 26 6.11 26.47 -38.58
CA GLN B 26 5.69 25.15 -38.11
C GLN B 26 4.56 24.64 -38.98
N ALA B 27 4.80 23.50 -39.62
CA ALA B 27 3.77 22.86 -40.41
C ALA B 27 2.56 22.57 -39.52
N PRO B 28 1.34 22.68 -40.04
CA PRO B 28 0.15 22.34 -39.23
C PRO B 28 0.26 20.93 -38.67
N LEU B 29 -0.09 20.78 -37.41
CA LEU B 29 0.12 19.52 -36.71
C LEU B 29 -0.95 18.50 -37.07
N ILE B 30 -0.51 17.27 -37.31
CA ILE B 30 -1.38 16.13 -37.50
C ILE B 30 -1.34 15.30 -36.23
N ILE B 31 -2.51 14.91 -35.73
CA ILE B 31 -2.64 14.25 -34.44
C ILE B 31 -3.02 12.79 -34.66
N PRO B 32 -2.06 11.86 -34.66
CA PRO B 32 -2.40 10.45 -34.92
C PRO B 32 -3.20 9.84 -33.77
N LEU B 33 -4.11 8.95 -34.14
CA LEU B 33 -4.97 8.26 -33.19
C LEU B 33 -4.46 6.83 -32.95
N LYS B 34 -4.83 6.30 -31.79
CA LYS B 34 -4.56 4.89 -31.52
C LYS B 34 -5.24 4.03 -32.58
N ALA B 35 -4.69 2.83 -32.79
CA ALA B 35 -5.08 2.01 -33.92
C ALA B 35 -6.56 1.66 -33.89
N THR B 36 -7.16 1.56 -32.70
CA THR B 36 -8.55 1.15 -32.56
C THR B 36 -9.49 2.33 -32.30
N SER B 37 -8.98 3.56 -32.26
CA SER B 37 -9.79 4.69 -31.84
C SER B 37 -10.93 4.96 -32.82
N THR B 38 -12.11 5.21 -32.26
CA THR B 38 -13.29 5.62 -33.01
C THR B 38 -13.81 6.93 -32.43
N PRO B 39 -14.34 7.83 -33.27
CA PRO B 39 -14.83 9.11 -32.74
C PRO B 39 -15.80 8.92 -31.59
N VAL B 40 -15.70 9.83 -30.62
CA VAL B 40 -16.55 9.84 -29.43
C VAL B 40 -17.29 11.17 -29.39
N SER B 41 -18.60 11.10 -29.15
CA SER B 41 -19.46 12.27 -29.08
C SER B 41 -20.25 12.19 -27.78
N ILE B 42 -19.92 13.08 -26.83
CA ILE B 42 -20.59 13.13 -25.54
C ILE B 42 -21.33 14.46 -25.44
N LYS B 43 -22.50 14.43 -24.83
CA LYS B 43 -23.41 15.56 -24.87
C LYS B 43 -22.90 16.73 -24.03
N GLN B 44 -23.20 17.94 -24.49
CA GLN B 44 -22.88 19.14 -23.73
C GLN B 44 -23.82 19.28 -22.54
N TYR B 45 -23.25 19.45 -21.35
CA TYR B 45 -24.08 19.67 -20.17
C TYR B 45 -24.77 21.02 -20.29
N PRO B 46 -25.97 21.17 -19.72
CA PRO B 46 -26.57 22.49 -19.64
C PRO B 46 -25.77 23.41 -18.74
N MET B 47 -25.93 24.71 -18.96
CA MET B 47 -25.28 25.71 -18.13
C MET B 47 -26.22 26.89 -17.96
N SER B 48 -26.06 27.59 -16.84
CA SER B 48 -26.89 28.74 -16.53
C SER B 48 -26.65 29.87 -17.53
N GLN B 49 -27.62 30.78 -17.61
CA GLN B 49 -27.43 31.96 -18.44
C GLN B 49 -26.22 32.75 -17.99
N GLU B 50 -26.01 32.87 -16.69
CA GLU B 50 -24.86 33.57 -16.16
C GLU B 50 -23.57 33.01 -16.76
N ALA B 51 -23.42 31.68 -16.71
CA ALA B 51 -22.22 31.06 -17.24
C ALA B 51 -22.11 31.25 -18.74
N ARG B 52 -23.23 31.11 -19.46
CA ARG B 52 -23.20 31.25 -20.91
C ARG B 52 -22.81 32.68 -21.30
N LEU B 53 -23.39 33.68 -20.63
CA LEU B 53 -23.02 35.06 -20.91
C LEU B 53 -21.55 35.31 -20.57
N GLY B 54 -21.05 34.69 -19.50
CA GLY B 54 -19.66 34.87 -19.14
C GLY B 54 -18.71 34.30 -20.16
N ILE B 55 -19.05 33.12 -20.72
CA ILE B 55 -18.18 32.47 -21.69
C ILE B 55 -18.26 33.19 -23.03
N LYS B 56 -19.44 33.69 -23.40
CA LYS B 56 -19.69 34.20 -24.75
C LYS B 56 -18.60 35.12 -25.28
N PRO B 57 -18.19 36.18 -24.57
CA PRO B 57 -17.16 37.06 -25.16
C PRO B 57 -15.86 36.36 -25.47
N HIS B 58 -15.50 35.33 -24.70
CA HIS B 58 -14.30 34.57 -25.01
C HIS B 58 -14.48 33.77 -26.30
N ILE B 59 -15.64 33.15 -26.47
CA ILE B 59 -15.91 32.42 -27.70
C ILE B 59 -15.91 33.36 -28.90
N GLN B 60 -16.56 34.52 -28.76
CA GLN B 60 -16.64 35.45 -29.87
C GLN B 60 -15.26 35.94 -30.29
N ARG B 61 -14.40 36.24 -29.31
CA ARG B 61 -13.03 36.67 -29.63
C ARG B 61 -12.31 35.59 -30.43
N LEU B 62 -12.44 34.33 -30.01
CA LEU B 62 -11.73 33.25 -30.69
C LEU B 62 -12.27 33.03 -32.09
N LEU B 63 -13.58 33.18 -32.28
CA LEU B 63 -14.14 33.15 -33.63
C LEU B 63 -13.59 34.30 -34.47
N ASP B 64 -13.54 35.51 -33.90
CA ASP B 64 -13.04 36.66 -34.65
C ASP B 64 -11.57 36.49 -35.03
N GLN B 65 -10.81 35.76 -34.22
CA GLN B 65 -9.39 35.54 -34.48
C GLN B 65 -9.13 34.36 -35.40
N GLY B 66 -10.17 33.63 -35.82
CA GLY B 66 -9.99 32.45 -36.61
C GLY B 66 -9.51 31.22 -35.85
N ILE B 67 -9.39 31.31 -34.53
CA ILE B 67 -8.92 30.18 -33.74
C ILE B 67 -10.04 29.17 -33.53
N LEU B 68 -11.28 29.63 -33.46
CA LEU B 68 -12.45 28.77 -33.50
C LEU B 68 -13.15 28.96 -34.84
N VAL B 69 -13.68 27.85 -35.38
CA VAL B 69 -14.49 27.92 -36.60
C VAL B 69 -15.65 26.95 -36.47
N PRO B 70 -16.77 27.25 -37.12
CA PRO B 70 -17.87 26.29 -37.16
C PRO B 70 -17.44 25.00 -37.85
N CYS B 71 -18.03 23.89 -37.42
CA CYS B 71 -17.73 22.61 -38.05
C CYS B 71 -18.89 21.65 -37.79
N GLN B 72 -18.85 20.53 -38.50
CA GLN B 72 -19.68 19.36 -38.21
C GLN B 72 -18.73 18.18 -38.05
N SER B 73 -18.73 17.57 -36.88
CA SER B 73 -17.77 16.52 -36.58
C SER B 73 -18.44 15.40 -35.81
N PRO B 74 -18.02 14.15 -36.04
CA PRO B 74 -18.51 13.05 -35.20
C PRO B 74 -17.92 13.08 -33.80
N TRP B 75 -16.87 13.85 -33.57
CA TRP B 75 -16.33 14.06 -32.24
C TRP B 75 -17.06 15.20 -31.56
N ASN B 76 -17.21 15.09 -30.24
CA ASN B 76 -17.74 16.19 -29.45
C ASN B 76 -17.41 15.95 -27.99
N THR B 77 -16.88 16.97 -27.33
CA THR B 77 -16.58 16.93 -25.90
C THR B 77 -17.12 18.19 -25.24
N PRO B 78 -17.34 18.16 -23.93
CA PRO B 78 -18.08 19.25 -23.28
C PRO B 78 -17.23 20.44 -22.87
N LEU B 79 -17.88 21.60 -22.94
CA LEU B 79 -17.41 22.81 -22.29
C LEU B 79 -17.95 22.85 -20.87
N LEU B 80 -17.10 23.20 -19.91
CA LEU B 80 -17.49 23.05 -18.51
C LEU B 80 -18.53 24.11 -18.15
N PRO B 81 -19.60 23.73 -17.43
CA PRO B 81 -20.69 24.67 -17.17
C PRO B 81 -20.38 25.72 -16.11
N VAL B 82 -19.27 25.61 -15.40
CA VAL B 82 -18.90 26.61 -14.40
C VAL B 82 -17.40 26.83 -14.43
N TYR B 90 -15.03 33.89 -16.27
CA TYR B 90 -15.72 32.73 -16.83
C TYR B 90 -15.03 32.23 -18.09
N ARG B 91 -13.87 31.61 -17.91
CA ARG B 91 -13.11 31.11 -19.06
C ARG B 91 -13.66 29.75 -19.47
N PRO B 92 -13.90 29.52 -20.76
CA PRO B 92 -14.37 28.19 -21.19
C PRO B 92 -13.26 27.16 -21.01
N VAL B 93 -13.60 26.04 -20.39
CA VAL B 93 -12.68 24.93 -20.18
C VAL B 93 -13.32 23.69 -20.80
N GLN B 94 -12.60 23.08 -21.74
CA GLN B 94 -13.08 21.90 -22.45
C GLN B 94 -12.52 20.65 -21.80
N ASP B 95 -13.38 19.68 -21.56
CA ASP B 95 -12.97 18.39 -21.01
C ASP B 95 -12.60 17.47 -22.16
N LEU B 96 -11.31 17.37 -22.46
CA LEU B 96 -10.82 16.60 -23.59
C LEU B 96 -10.33 15.21 -23.19
N ARG B 97 -10.64 14.74 -21.99
CA ARG B 97 -10.07 13.50 -21.51
C ARG B 97 -10.44 12.32 -22.41
N GLU B 98 -11.67 12.29 -22.92
CA GLU B 98 -12.07 11.19 -23.79
C GLU B 98 -11.37 11.25 -25.14
N VAL B 99 -11.00 12.45 -25.59
CA VAL B 99 -10.16 12.57 -26.78
C VAL B 99 -8.74 12.13 -26.46
N ASN B 100 -8.22 12.52 -25.30
CA ASN B 100 -6.86 12.15 -24.92
C ASN B 100 -6.69 10.65 -24.88
N LYS B 101 -7.71 9.92 -24.40
CA LYS B 101 -7.61 8.47 -24.31
C LYS B 101 -7.44 7.83 -25.68
N ARG B 102 -7.95 8.47 -26.74
CA ARG B 102 -7.96 7.88 -28.06
C ARG B 102 -6.81 8.37 -28.95
N VAL B 103 -6.01 9.32 -28.47
CA VAL B 103 -4.87 9.83 -29.22
C VAL B 103 -3.63 9.05 -28.84
N GLU B 104 -2.84 8.68 -29.84
CA GLU B 104 -1.62 7.92 -29.58
C GLU B 104 -0.67 8.73 -28.71
N ASP B 105 -0.06 8.05 -27.73
CA ASP B 105 0.91 8.69 -26.88
C ASP B 105 2.19 9.02 -27.65
N ILE B 106 2.93 10.01 -27.14
CA ILE B 106 4.21 10.40 -27.69
C ILE B 106 5.23 10.42 -26.56
N HIS B 107 6.50 10.38 -26.93
CA HIS B 107 7.55 10.34 -25.92
C HIS B 107 7.64 11.69 -25.22
N PRO B 108 7.68 11.72 -23.88
CA PRO B 108 7.74 13.01 -23.16
C PRO B 108 9.15 13.57 -23.18
N THR B 109 9.36 14.61 -23.99
CA THR B 109 10.67 15.21 -24.18
C THR B 109 10.90 16.46 -23.34
N VAL B 110 9.87 16.98 -22.68
CA VAL B 110 10.04 18.16 -21.84
C VAL B 110 10.79 17.73 -20.58
N PRO B 111 11.96 18.31 -20.27
CA PRO B 111 12.63 17.96 -19.03
C PRO B 111 11.90 18.57 -17.84
N ASN B 112 12.11 17.97 -16.67
CA ASN B 112 11.57 18.57 -15.47
C ASN B 112 12.38 19.82 -15.12
N PRO B 113 11.76 20.81 -14.46
CA PRO B 113 12.49 22.06 -14.19
C PRO B 113 13.81 21.86 -13.47
N TYR B 114 13.91 20.91 -12.54
CA TYR B 114 15.17 20.72 -11.81
C TYR B 114 16.31 20.43 -12.78
N ASN B 115 16.16 19.40 -13.62
CA ASN B 115 17.19 19.08 -14.59
C ASN B 115 17.41 20.25 -15.56
N LEU B 116 16.32 20.92 -15.95
CA LEU B 116 16.46 22.08 -16.82
C LEU B 116 17.40 23.11 -16.20
N LEU B 117 17.15 23.46 -14.94
CA LEU B 117 18.00 24.44 -14.25
C LEU B 117 19.43 23.94 -14.04
N SER B 118 19.66 22.63 -14.14
CA SER B 118 21.01 22.11 -13.99
C SER B 118 21.93 22.61 -15.10
N GLY B 119 21.37 23.06 -16.22
CA GLY B 119 22.14 23.65 -17.30
C GLY B 119 22.41 25.13 -17.12
N LEU B 120 22.06 25.70 -15.96
CA LEU B 120 22.31 27.11 -15.69
C LEU B 120 23.64 27.23 -14.95
N PRO B 121 24.70 27.73 -15.58
CA PRO B 121 25.99 27.80 -14.90
C PRO B 121 26.14 29.11 -14.14
N PRO B 122 27.08 29.19 -13.19
CA PRO B 122 27.24 30.43 -12.42
C PRO B 122 27.96 31.53 -13.20
N SER B 123 28.65 31.20 -14.29
CA SER B 123 29.28 32.23 -15.10
C SER B 123 28.26 33.20 -15.66
N HIS B 124 27.03 32.75 -15.91
CA HIS B 124 25.98 33.57 -16.49
C HIS B 124 25.00 33.94 -15.38
N GLN B 125 25.11 35.19 -14.89
CA GLN B 125 24.29 35.66 -13.79
C GLN B 125 23.47 36.89 -14.16
N TRP B 126 23.29 37.15 -15.46
CA TRP B 126 22.41 38.22 -15.94
C TRP B 126 21.24 37.58 -16.67
N TYR B 127 20.04 37.78 -16.13
CA TYR B 127 18.88 36.97 -16.48
C TYR B 127 17.80 37.80 -17.17
N THR B 128 17.15 37.19 -18.16
CA THR B 128 15.89 37.68 -18.70
C THR B 128 14.91 36.51 -18.72
N VAL B 129 13.70 36.74 -18.20
CA VAL B 129 12.65 35.73 -18.19
C VAL B 129 11.48 36.25 -19.02
N LEU B 130 11.04 35.42 -19.96
CA LEU B 130 9.87 35.71 -20.77
C LEU B 130 8.92 34.53 -20.69
N ASP B 131 7.62 34.83 -20.73
CA ASP B 131 6.58 33.82 -20.87
C ASP B 131 5.76 34.15 -22.10
N LEU B 132 5.53 33.15 -22.95
CA LEU B 132 4.81 33.36 -24.19
C LEU B 132 3.31 33.28 -23.97
N LYS B 133 2.58 34.22 -24.56
CA LYS B 133 1.15 34.35 -24.37
C LYS B 133 0.41 33.50 -25.40
N ASP B 134 -0.59 32.75 -24.94
CA ASP B 134 -1.40 31.89 -25.81
C ASP B 134 -0.50 31.04 -26.70
N ALA B 135 0.46 30.37 -26.04
CA ALA B 135 1.50 29.65 -26.76
C ALA B 135 0.93 28.58 -27.67
N PHE B 136 0.07 27.71 -27.12
CA PHE B 136 -0.48 26.62 -27.93
C PHE B 136 -1.21 27.15 -29.16
N PHE B 137 -1.94 28.26 -29.01
CA PHE B 137 -2.69 28.83 -30.12
C PHE B 137 -1.81 29.29 -31.27
N CYS B 138 -0.49 29.38 -31.08
CA CYS B 138 0.40 29.80 -32.15
C CYS B 138 0.68 28.67 -33.14
N LEU B 139 0.50 27.41 -32.74
CA LEU B 139 0.74 26.27 -33.61
C LEU B 139 -0.56 25.90 -34.32
N ARG B 140 -0.54 25.93 -35.64
CA ARG B 140 -1.71 25.54 -36.42
C ARG B 140 -2.00 24.07 -36.26
N LEU B 141 -3.29 23.74 -36.35
CA LEU B 141 -3.76 22.36 -36.34
C LEU B 141 -4.23 22.02 -37.75
N HIS B 142 -3.72 20.93 -38.30
CA HIS B 142 -4.04 20.59 -39.68
C HIS B 142 -5.54 20.28 -39.78
N PRO B 143 -6.20 20.73 -40.87
CA PRO B 143 -7.65 20.49 -40.98
C PRO B 143 -8.07 19.05 -40.71
N THR B 144 -7.23 18.07 -41.05
CA THR B 144 -7.60 16.68 -40.84
C THR B 144 -7.75 16.35 -39.35
N SER B 145 -7.04 17.05 -38.47
CA SER B 145 -7.09 16.79 -37.05
C SER B 145 -8.04 17.70 -36.29
N GLN B 146 -8.43 18.82 -36.87
CA GLN B 146 -9.37 19.73 -36.20
C GLN B 146 -10.66 19.06 -35.75
N PRO B 147 -11.26 18.13 -36.51
CA PRO B 147 -12.52 17.51 -36.06
C PRO B 147 -12.40 16.84 -34.70
N LEU B 148 -11.20 16.42 -34.30
CA LEU B 148 -11.04 15.74 -33.02
C LEU B 148 -11.57 16.56 -31.85
N PHE B 149 -11.40 17.88 -31.92
CA PHE B 149 -11.53 18.75 -30.75
C PHE B 149 -12.80 19.58 -30.78
N ALA B 150 -13.85 19.07 -31.44
CA ALA B 150 -15.07 19.82 -31.58
C ALA B 150 -15.86 19.83 -30.27
N PHE B 151 -16.57 20.93 -30.04
CA PHE B 151 -17.51 21.06 -28.93
C PHE B 151 -18.72 21.83 -29.43
N GLU B 152 -19.77 21.84 -28.61
CA GLU B 152 -21.04 22.43 -28.98
C GLU B 152 -21.20 23.79 -28.29
N TRP B 153 -21.64 24.79 -29.05
CA TRP B 153 -21.86 26.13 -28.54
C TRP B 153 -23.21 26.65 -29.00
N ARG B 154 -23.92 27.31 -28.08
CA ARG B 154 -25.12 28.06 -28.39
C ARG B 154 -24.98 29.46 -27.80
N ASP B 155 -25.19 30.47 -28.63
CA ASP B 155 -25.09 31.85 -28.15
C ASP B 155 -26.26 32.14 -27.20
N PRO B 156 -26.01 32.82 -26.08
CA PRO B 156 -27.08 33.00 -25.08
C PRO B 156 -28.21 33.93 -25.52
N GLU B 157 -28.09 34.59 -26.65
CA GLU B 157 -29.16 35.49 -27.10
C GLU B 157 -29.64 35.18 -28.50
N MET B 158 -28.75 34.76 -29.40
CA MET B 158 -29.14 34.35 -30.74
C MET B 158 -28.67 32.93 -31.02
N SER B 161 -27.49 27.02 -32.29
CA SER B 161 -26.70 25.96 -31.69
C SER B 161 -25.97 25.17 -32.76
N GLY B 162 -24.68 24.94 -32.54
CA GLY B 162 -23.87 24.20 -33.48
C GLY B 162 -22.53 23.88 -32.87
N GLN B 163 -21.71 23.17 -33.65
CA GLN B 163 -20.38 22.77 -33.19
C GLN B 163 -19.34 23.78 -33.63
N LEU B 164 -18.36 24.00 -32.77
CA LEU B 164 -17.15 24.72 -33.10
C LEU B 164 -15.95 23.81 -32.85
N THR B 165 -14.82 24.15 -33.46
CA THR B 165 -13.58 23.43 -33.15
C THR B 165 -12.40 24.37 -33.33
N TRP B 166 -11.23 23.85 -33.00
CA TRP B 166 -10.01 24.65 -32.96
C TRP B 166 -9.20 24.45 -34.23
N THR B 167 -8.71 25.56 -34.77
CA THR B 167 -7.73 25.53 -35.85
C THR B 167 -6.30 25.64 -35.33
N ARG B 168 -6.13 25.69 -34.01
CA ARG B 168 -4.81 25.73 -33.38
C ARG B 168 -4.74 24.64 -32.33
N LEU B 169 -3.53 24.36 -31.88
CA LEU B 169 -3.31 23.40 -30.80
C LEU B 169 -4.13 23.83 -29.58
N PRO B 170 -5.05 23.00 -29.08
CA PRO B 170 -5.93 23.46 -28.00
C PRO B 170 -5.41 23.19 -26.59
N GLN B 171 -5.92 24.00 -25.67
CA GLN B 171 -5.75 23.74 -24.24
C GLN B 171 -6.43 22.43 -23.86
N GLY B 172 -5.89 21.77 -22.85
CA GLY B 172 -6.47 20.54 -22.35
C GLY B 172 -6.14 19.30 -23.13
N PHE B 173 -5.39 19.42 -24.23
CA PHE B 173 -4.96 18.28 -25.01
C PHE B 173 -3.65 17.75 -24.45
N LYS B 174 -3.60 16.44 -24.19
CA LYS B 174 -2.53 15.88 -23.36
C LYS B 174 -1.15 16.13 -23.95
N ASN B 175 -1.04 16.22 -25.27
CA ASN B 175 0.25 16.37 -25.93
C ASN B 175 0.57 17.81 -26.30
N SER B 176 -0.25 18.79 -25.93
CA SER B 176 0.02 20.17 -26.29
C SER B 176 1.32 20.68 -25.68
N PRO B 177 1.58 20.50 -24.39
CA PRO B 177 2.86 20.99 -23.85
C PRO B 177 4.08 20.41 -24.56
N THR B 178 4.11 19.10 -24.76
CA THR B 178 5.26 18.47 -25.41
C THR B 178 5.38 18.94 -26.86
N LEU B 179 4.26 18.97 -27.59
CA LEU B 179 4.32 19.37 -29.00
C LEU B 179 4.75 20.83 -29.14
N PHE B 180 4.34 21.69 -28.21
CA PHE B 180 4.79 23.07 -28.28
C PHE B 180 6.26 23.18 -27.93
N ASP B 181 6.68 22.52 -26.85
CA ASP B 181 8.09 22.56 -26.48
C ASP B 181 8.96 22.07 -27.62
N GLU B 182 8.52 21.05 -28.33
CA GLU B 182 9.29 20.53 -29.46
C GLU B 182 9.31 21.53 -30.61
N ALA B 183 8.17 22.14 -30.92
CA ALA B 183 8.11 23.11 -32.00
C ALA B 183 9.01 24.31 -31.72
N LEU B 184 8.95 24.84 -30.49
CA LEU B 184 9.75 26.02 -30.17
C LEU B 184 11.24 25.69 -30.13
N HIS B 185 11.61 24.48 -29.70
CA HIS B 185 13.01 24.08 -29.76
C HIS B 185 13.52 24.08 -31.19
N ARG B 186 12.72 23.59 -32.13
CA ARG B 186 13.10 23.65 -33.54
C ARG B 186 13.24 25.09 -34.01
N ASP B 187 12.33 25.96 -33.59
CA ASP B 187 12.30 27.33 -34.10
C ASP B 187 13.42 28.19 -33.50
N LEU B 188 13.86 27.88 -32.29
CA LEU B 188 14.93 28.64 -31.64
C LEU B 188 16.29 27.97 -31.78
N ALA B 189 16.39 26.90 -32.57
CA ALA B 189 17.68 26.24 -32.75
C ALA B 189 18.71 27.18 -33.35
N ASP B 190 18.30 27.97 -34.35
CA ASP B 190 19.23 28.88 -35.02
C ASP B 190 19.71 29.97 -34.05
N PHE B 191 18.79 30.58 -33.30
CA PHE B 191 19.17 31.54 -32.27
C PHE B 191 20.26 30.97 -31.37
N ARG B 192 20.10 29.71 -30.96
CA ARG B 192 21.08 29.09 -30.08
C ARG B 192 22.46 29.05 -30.73
N ILE B 193 22.53 28.68 -32.00
CA ILE B 193 23.82 28.59 -32.67
C ILE B 193 24.42 29.97 -32.87
N GLN B 194 23.60 30.96 -33.23
CA GLN B 194 24.11 32.31 -33.50
C GLN B 194 24.50 33.05 -32.24
N HIS B 195 24.22 32.50 -31.06
CA HIS B 195 24.54 33.15 -29.78
C HIS B 195 25.17 32.12 -28.84
N PRO B 196 26.41 31.71 -29.11
CA PRO B 196 27.02 30.67 -28.26
C PRO B 196 27.31 31.10 -26.84
N ASP B 197 27.43 32.40 -26.57
CA ASP B 197 27.77 32.87 -25.23
C ASP B 197 26.55 32.96 -24.31
N LEU B 198 25.35 32.84 -24.84
CA LEU B 198 24.14 32.90 -24.03
C LEU B 198 23.65 31.50 -23.68
N ILE B 199 23.05 31.39 -22.50
CA ILE B 199 22.33 30.20 -22.08
C ILE B 199 20.85 30.46 -22.29
N LEU B 200 20.15 29.51 -22.92
CA LEU B 200 18.72 29.62 -23.16
C LEU B 200 18.04 28.37 -22.61
N LEU B 201 17.18 28.56 -21.61
CA LEU B 201 16.37 27.48 -21.06
C LEU B 201 14.93 27.65 -21.53
N GLN B 202 14.34 26.57 -22.04
CA GLN B 202 12.95 26.57 -22.47
C GLN B 202 12.17 25.54 -21.67
N TYR B 203 11.06 25.95 -21.09
CA TYR B 203 10.10 25.04 -20.46
C TYR B 203 8.73 25.38 -21.04
N VAL B 204 8.39 24.70 -22.13
CA VAL B 204 7.15 24.96 -22.86
C VAL B 204 7.12 26.43 -23.25
N ASP B 205 6.32 27.24 -22.55
CA ASP B 205 6.19 28.65 -22.88
C ASP B 205 6.93 29.57 -21.91
N ASP B 206 7.83 29.03 -21.09
CA ASP B 206 8.59 29.80 -20.11
C ASP B 206 10.05 29.77 -20.49
N LEU B 207 10.63 30.95 -20.73
CA LEU B 207 11.97 31.10 -21.27
C LEU B 207 12.87 31.84 -20.29
N LEU B 208 14.09 31.34 -20.12
CA LEU B 208 15.13 32.04 -19.37
C LEU B 208 16.34 32.25 -20.28
N LEU B 209 16.78 33.49 -20.40
CA LEU B 209 18.00 33.85 -21.12
C LEU B 209 19.02 34.34 -20.10
N ALA B 210 20.18 33.70 -20.06
CA ALA B 210 21.23 34.04 -19.12
C ALA B 210 22.49 34.45 -19.86
N ALA B 211 23.16 35.49 -19.39
CA ALA B 211 24.30 36.06 -20.08
C ALA B 211 25.45 36.29 -19.11
N THR B 212 26.64 36.49 -19.70
CA THR B 212 27.84 36.72 -18.90
C THR B 212 27.85 38.13 -18.33
N SER B 213 27.50 39.13 -19.15
CA SER B 213 27.52 40.53 -18.76
C SER B 213 26.11 41.10 -18.87
N GLU B 214 25.95 42.30 -18.34
CA GLU B 214 24.67 42.99 -18.48
C GLU B 214 24.42 43.38 -19.94
N LEU B 215 25.48 43.75 -20.66
CA LEU B 215 25.31 44.16 -22.05
C LEU B 215 25.00 42.97 -22.94
N ASP B 216 25.63 41.82 -22.68
CA ASP B 216 25.28 40.61 -23.43
C ASP B 216 23.83 40.23 -23.22
N CYS B 217 23.32 40.39 -21.99
CA CYS B 217 21.92 40.13 -21.73
C CYS B 217 21.04 41.12 -22.47
N GLN B 218 21.43 42.39 -22.49
CA GLN B 218 20.70 43.40 -23.24
C GLN B 218 20.64 43.05 -24.72
N GLN B 219 21.80 42.86 -25.35
CA GLN B 219 21.84 42.54 -26.77
C GLN B 219 21.18 41.19 -27.05
N GLY B 220 21.42 40.21 -26.19
CA GLY B 220 20.80 38.91 -26.38
C GLY B 220 19.29 38.97 -26.29
N THR B 221 18.78 39.67 -25.29
CA THR B 221 17.33 39.83 -25.15
C THR B 221 16.73 40.54 -26.35
N ARG B 222 17.41 41.58 -26.85
CA ARG B 222 16.96 42.26 -28.05
C ARG B 222 16.85 41.27 -29.21
N ALA B 223 17.86 40.42 -29.39
CA ALA B 223 17.84 39.45 -30.47
C ALA B 223 16.76 38.40 -30.25
N LEU B 224 16.55 37.98 -29.00
CA LEU B 224 15.53 36.97 -28.71
C LEU B 224 14.14 37.51 -29.04
N LEU B 225 13.84 38.73 -28.59
CA LEU B 225 12.54 39.32 -28.88
C LEU B 225 12.33 39.44 -30.38
N GLN B 226 13.32 39.98 -31.10
CA GLN B 226 13.24 40.06 -32.55
C GLN B 226 12.96 38.69 -33.16
N THR B 227 13.73 37.68 -32.74
CA THR B 227 13.55 36.34 -33.28
C THR B 227 12.17 35.79 -32.96
N LEU B 228 11.75 35.90 -31.70
CA LEU B 228 10.42 35.44 -31.31
C LEU B 228 9.34 36.10 -32.17
N GLY B 229 9.34 37.44 -32.21
CA GLY B 229 8.35 38.14 -33.01
C GLY B 229 8.34 37.69 -34.45
N ASN B 230 9.51 37.65 -35.08
CA ASN B 230 9.59 37.24 -36.48
C ASN B 230 9.05 35.83 -36.67
N LEU B 231 9.28 34.94 -35.69
CA LEU B 231 8.82 33.57 -35.82
C LEU B 231 7.31 33.45 -35.65
N GLY B 232 6.67 34.45 -35.07
CA GLY B 232 5.23 34.42 -34.85
C GLY B 232 4.79 34.15 -33.42
N TYR B 233 5.72 34.13 -32.47
CA TYR B 233 5.37 33.98 -31.06
C TYR B 233 5.25 35.35 -30.41
N ARG B 234 4.58 35.38 -29.25
CA ARG B 234 4.29 36.63 -28.56
C ARG B 234 4.56 36.47 -27.08
N ALA B 235 5.38 37.35 -26.51
CA ALA B 235 5.70 37.33 -25.10
C ALA B 235 4.87 38.38 -24.36
N SER B 236 4.59 38.10 -23.09
CA SER B 236 3.83 39.02 -22.25
C SER B 236 4.73 40.16 -21.81
N ALA B 237 4.45 41.38 -22.27
CA ALA B 237 5.19 42.54 -21.81
C ALA B 237 4.93 42.82 -20.34
N LYS B 238 3.70 42.59 -19.88
CA LYS B 238 3.34 42.89 -18.50
C LYS B 238 4.22 42.13 -17.52
N LYS B 239 4.47 40.85 -17.76
CA LYS B 239 5.14 39.98 -16.79
C LYS B 239 6.63 39.80 -17.08
N ALA B 240 7.15 40.43 -18.14
CA ALA B 240 8.53 40.19 -18.52
C ALA B 240 9.50 40.69 -17.45
N GLN B 241 10.58 39.94 -17.26
CA GLN B 241 11.68 40.31 -16.38
C GLN B 241 12.93 40.41 -17.25
N ILE B 242 13.37 41.64 -17.52
CA ILE B 242 14.38 41.90 -18.53
C ILE B 242 15.67 42.33 -17.86
N CYS B 243 16.76 41.64 -18.19
CA CYS B 243 18.12 42.02 -17.78
C CYS B 243 18.17 42.39 -16.30
N GLN B 244 18.08 41.36 -15.47
CA GLN B 244 18.10 41.51 -14.03
C GLN B 244 19.03 40.48 -13.40
N LYS B 245 19.59 40.84 -12.24
CA LYS B 245 20.38 39.92 -11.44
C LYS B 245 19.52 39.01 -10.58
N GLN B 246 18.20 39.10 -10.68
CA GLN B 246 17.31 38.42 -9.76
C GLN B 246 15.94 38.29 -10.41
N VAL B 247 15.55 37.05 -10.76
CA VAL B 247 14.31 36.80 -11.48
C VAL B 247 13.60 35.60 -10.88
N LYS B 248 12.30 35.55 -11.10
CA LYS B 248 11.49 34.38 -10.79
C LYS B 248 11.33 33.54 -12.05
N TYR B 249 11.67 32.25 -11.96
CA TYR B 249 11.58 31.36 -13.10
C TYR B 249 11.21 29.97 -12.62
N LEU B 250 10.05 29.48 -13.04
CA LEU B 250 9.61 28.12 -12.75
C LEU B 250 9.55 27.86 -11.25
N GLY B 251 9.06 28.84 -10.49
CA GLY B 251 8.92 28.69 -9.06
C GLY B 251 10.17 28.99 -8.25
N TYR B 252 11.32 29.14 -8.90
CA TYR B 252 12.58 29.45 -8.22
C TYR B 252 12.83 30.95 -8.24
N LEU B 253 13.60 31.41 -7.26
CA LEU B 253 14.17 32.76 -7.27
C LEU B 253 15.63 32.63 -7.66
N LEU B 254 15.96 33.11 -8.85
CA LEU B 254 17.33 33.07 -9.35
C LEU B 254 18.08 34.30 -8.86
N LYS B 255 19.30 34.09 -8.36
CA LYS B 255 20.04 35.14 -7.67
C LYS B 255 21.42 34.64 -7.29
N GLU B 256 22.45 35.45 -7.52
CA GLU B 256 23.85 35.08 -7.25
C GLU B 256 24.24 33.79 -7.96
N GLY B 257 23.47 33.37 -8.95
CA GLY B 257 23.67 32.04 -9.52
C GLY B 257 23.18 30.92 -8.63
N GLN B 258 22.31 31.22 -7.67
CA GLN B 258 21.76 30.22 -6.76
C GLN B 258 20.33 29.86 -7.17
N ARG B 259 19.87 28.73 -6.64
CA ARG B 259 18.54 28.17 -6.93
C ARG B 259 18.50 27.52 -8.31
C1 CGY C 7 -12.87 -2.35 5.68
C1' CGY C 7 -13.71 -3.39 5.01
C2 CGY C 7 -13.34 -1.43 6.59
C2' CGY C 7 -13.97 -3.09 3.56
C3' CGY C 7 -13.49 -4.31 2.77
C4 CGY C 7 -11.27 -0.45 6.82
C4' CGY C 7 -13.58 -5.38 3.85
C5 CGY C 7 -10.71 -1.33 5.90
C5' CGY C 7 -12.75 -6.62 3.56
C6 CGY C 7 -11.53 -2.29 5.32
N1 CGY C 7 -14.56 -1.47 6.92
N3 CGY C 7 -12.57 -0.49 7.17
N4 CGY C 7 -10.52 0.42 7.35
N5 CGY C 7 -9.49 -1.24 5.62
O3' CGY C 7 -14.18 -4.60 1.51
O4' CGY C 7 -13.14 -4.70 5.05
O5' CGY C 7 -11.44 -6.24 3.07
ON1 CGY C 7 -8.93 -2.16 4.87
ON2 CGY C 7 -8.78 -0.25 6.09
OP1 CGY C 7 -10.65 -8.43 2.27
OP2 CGY C 7 -8.96 -6.55 2.60
P CGY C 7 -10.21 -7.24 3.04
C1 CGY C 8 -14.87 0.87 3.91
C1' CGY C 8 -16.24 0.34 3.63
C2 CGY C 8 -14.57 1.94 4.73
C2' CGY C 8 -16.74 0.59 2.23
C3' CGY C 8 -17.64 -0.59 1.90
C4 CGY C 8 -12.31 1.73 4.32
C4' CGY C 8 -17.47 -1.54 3.08
C5 CGY C 8 -12.51 0.65 3.48
C5' CGY C 8 -17.38 -3.00 2.66
C6 CGY C 8 -13.82 0.23 3.27
N1 CGY C 8 -15.50 2.56 5.32
N3 CGY C 8 -13.31 2.38 4.95
N4 CGY C 8 -11.13 2.12 4.52
N5 CGY C 8 -11.56 0.07 2.92
O3' CGY C 8 -19.02 -0.23 1.71
O4' CGY C 8 -16.31 -1.07 3.79
O5' CGY C 8 -16.28 -3.28 1.75
ON1 CGY C 8 -11.79 -0.92 2.11
ON2 CGY C 8 -10.33 0.46 3.15
OP1 CGY C 8 -16.29 -5.67 2.49
OP2 CGY C 8 -16.18 -4.98 0.04
P CGY C 8 -15.76 -4.76 1.44
C1 CGY D 7 -8.94 10.08 2.15
C1' CGY D 7 -8.20 11.25 2.68
C2 CGY D 7 -10.33 9.98 2.12
C2' CGY D 7 -8.32 11.41 4.17
C3' CGY D 7 -6.93 11.88 4.65
C4 CGY D 7 -10.25 7.89 1.17
C4' CGY D 7 -6.25 12.19 3.32
C5 CGY D 7 -8.87 7.89 1.16
C5' CGY D 7 -4.75 12.23 3.38
C6 CGY D 7 -8.21 9.00 1.67
N1 CGY D 7 -11.00 10.96 2.56
N3 CGY D 7 -11.00 8.92 1.64
N4 CGY D 7 -10.86 6.89 0.71
N5 CGY D 7 -8.22 6.92 0.71
O3' CGY D 7 -6.96 13.06 5.48
O4' CGY D 7 -6.80 11.18 2.44
O5' CGY D 7 -4.12 11.03 2.87
ON1 CGY D 7 -6.94 6.82 0.96
ON2 CGY D 7 -8.81 5.99 0.00
OP1 CGY D 7 -1.85 12.03 2.75
OP2 CGY D 7 -2.28 9.76 1.67
P CGY D 7 -2.77 11.12 2.03
C1 CGY D 8 -11.39 8.52 5.53
C1' CGY D 8 -11.82 9.74 6.28
C2 CGY D 8 -12.25 7.64 4.89
C2' CGY D 8 -11.90 9.48 7.75
C3' CGY D 8 -11.07 10.51 8.48
C4 CGY D 8 -10.50 6.31 4.21
C4' CGY D 8 -10.41 11.31 7.37
C5 CGY D 8 -9.57 7.12 4.83
C5' CGY D 8 -8.89 11.32 7.46
C6 CGY D 8 -10.03 8.25 5.50
N1 CGY D 8 -13.50 7.86 4.90
N3 CGY D 8 -11.83 6.54 4.22
N4 CGY D 8 -10.08 5.28 3.59
N5 CGY D 8 -8.36 6.84 4.79
O3' CGY D 8 -11.80 11.35 9.39
O4' CGY D 8 -10.90 10.82 6.09
O5' CGY D 8 -8.34 12.65 7.49
ON1 CGY D 8 -7.48 7.65 5.34
ON2 CGY D 8 -7.95 5.75 4.19
OP1 CGY D 8 -6.47 14.18 7.76
OP2 CGY D 8 -6.03 11.71 7.36
P CGY D 8 -6.82 12.92 7.06
#